data_4I51
#
_entry.id   4I51
#
_cell.length_a   83.497
_cell.length_b   83.800
_cell.length_c   95.052
_cell.angle_alpha   90.00
_cell.angle_beta   90.00
_cell.angle_gamma   90.00
#
_symmetry.space_group_name_H-M   'P 21 21 21'
#
loop_
_entity.id
_entity.type
_entity.pdbx_description
1 polymer 'Histone-lysine N-methyltransferase EHMT1'
2 polymer 'H3K9 NE-ALLYL PEPTIDE'
3 polymer 'UNKNOWN PEPTIDE'
4 non-polymer S-ADENOSYL-L-HOMOCYSTEINE
5 non-polymer 'ZINC ION'
6 non-polymer GLYCEROL
7 non-polymer 'UNKNOWN ATOM OR ION'
8 water water
#
loop_
_entity_poly.entity_id
_entity_poly.type
_entity_poly.pdbx_seq_one_letter_code
_entity_poly.pdbx_strand_id
1 'polypeptide(L)'
;GNSQVWSALQMSKALQDSAPDRPSPVERIVSRDIARGYERIPIPCVNAVDSEPCPSNYKYVSQNCVTSPMNIDRNITHLQ
YCVCIDDCSSSNCMCGQLSMRCWYDKDGRLLPEFNMAEPPLIFECNHACSCWRNCRNRVVQNGLRARLQLYRTRDMGWGV
RSLQDIPPGTFVCEYVGELISDSEADVREEDSYLFDLDNKDGEVYCIDARFYGNVSRFINHHCEPNLVPVRVFMAHQDLR
FPRIAFFSTRLIEAGEQLGFDAGERFWDIKGKLFSCRCGSPKCRHS
;
A,B
2 'polypeptide(L)' TKQTAR(LDH)ST C,D
3 'polypeptide(L)' (UNK)(UNK)(UNK)(UNK)(UNK)(UNK)(UNK)(UNK)(UNK)(UNK)(UNK)(UNK)(UNK) K
#
loop_
_chem_comp.id
_chem_comp.type
_chem_comp.name
_chem_comp.formula
GOL non-polymer GLYCEROL 'C3 H8 O3'
UNX non-polymer 'UNKNOWN ATOM OR ION' ?
ZN non-polymer 'ZINC ION' 'Zn 2'
#
# COMPACT_ATOMS: atom_id res chain seq x y z
N VAL A 26 -39.52 5.34 -5.54
CA VAL A 26 -39.02 4.68 -4.30
C VAL A 26 -37.58 4.17 -4.47
N GLU A 27 -36.79 4.31 -3.42
CA GLU A 27 -35.37 3.98 -3.48
C GLU A 27 -35.12 2.53 -3.05
N ARG A 28 -34.33 1.81 -3.84
CA ARG A 28 -33.84 0.48 -3.46
C ARG A 28 -32.32 0.56 -3.23
N ILE A 29 -31.83 -0.05 -2.15
CA ILE A 29 -30.39 -0.30 -2.01
C ILE A 29 -29.99 -1.57 -2.77
N VAL A 30 -29.22 -1.39 -3.83
CA VAL A 30 -28.87 -2.50 -4.72
C VAL A 30 -27.46 -3.04 -4.46
N SER A 31 -26.71 -2.36 -3.62
CA SER A 31 -25.51 -2.95 -3.02
C SER A 31 -25.18 -2.23 -1.72
N ARG A 32 -24.85 -2.98 -0.67
CA ARG A 32 -24.41 -2.34 0.55
C ARG A 32 -22.99 -1.77 0.45
N ASP A 33 -22.21 -2.27 -0.52
CA ASP A 33 -20.85 -1.72 -0.69
C ASP A 33 -20.25 -2.11 -2.05
N ILE A 34 -20.17 -1.15 -2.98
CA ILE A 34 -19.60 -1.43 -4.30
C ILE A 34 -18.11 -1.78 -4.21
N ALA A 35 -17.49 -1.41 -3.08
CA ALA A 35 -16.06 -1.64 -2.89
C ALA A 35 -15.72 -2.98 -2.23
N ARG A 36 -16.74 -3.76 -1.85
CA ARG A 36 -16.56 -5.08 -1.24
C ARG A 36 -15.55 -5.03 -0.07
N GLY A 37 -15.64 -3.97 0.73
CA GLY A 37 -14.80 -3.86 1.94
C GLY A 37 -13.41 -3.28 1.73
N TYR A 38 -13.07 -2.86 0.50
CA TYR A 38 -11.72 -2.32 0.25
C TYR A 38 -11.52 -0.89 0.71
N GLU A 39 -12.61 -0.15 0.97
CA GLU A 39 -12.43 1.21 1.47
C GLU A 39 -12.64 1.23 2.98
N ARG A 40 -12.28 2.33 3.63
CA ARG A 40 -12.40 2.45 5.08
C ARG A 40 -13.87 2.41 5.55
N ILE A 41 -14.77 2.79 4.64
CA ILE A 41 -16.22 2.79 4.92
C ILE A 41 -16.90 2.20 3.68
N PRO A 42 -18.12 1.69 3.83
CA PRO A 42 -18.83 1.19 2.65
C PRO A 42 -19.27 2.33 1.69
N ILE A 43 -19.37 2.02 0.41
CA ILE A 43 -19.97 2.92 -0.58
C ILE A 43 -21.18 2.21 -1.16
N PRO A 44 -22.37 2.46 -0.58
CA PRO A 44 -23.56 1.78 -1.06
C PRO A 44 -24.00 2.30 -2.41
N CYS A 45 -24.76 1.48 -3.11
CA CYS A 45 -25.39 1.90 -4.38
C CYS A 45 -26.89 1.84 -4.20
N VAL A 46 -27.59 2.92 -4.56
CA VAL A 46 -29.06 2.97 -4.47
C VAL A 46 -29.64 3.34 -5.83
N ASN A 47 -30.88 2.91 -6.07
CA ASN A 47 -31.59 3.23 -7.29
C ASN A 47 -33.02 3.61 -7.04
N ALA A 48 -33.31 4.91 -7.23
CA ALA A 48 -34.66 5.43 -7.03
C ALA A 48 -35.32 5.77 -8.37
N VAL A 49 -34.76 5.26 -9.45
CA VAL A 49 -35.16 5.67 -10.79
C VAL A 49 -35.74 4.52 -11.62
N ASP A 50 -34.99 3.43 -11.74
CA ASP A 50 -35.39 2.32 -12.61
C ASP A 50 -35.03 0.98 -11.98
N SER A 51 -35.05 -0.08 -12.78
CA SER A 51 -34.82 -1.43 -12.27
C SER A 51 -33.38 -1.96 -12.48
N GLU A 52 -32.44 -1.07 -12.80
CA GLU A 52 -31.05 -1.48 -12.96
C GLU A 52 -30.47 -1.99 -11.65
N PRO A 53 -29.75 -3.12 -11.69
CA PRO A 53 -29.00 -3.52 -10.49
C PRO A 53 -27.73 -2.70 -10.36
N CYS A 54 -26.98 -2.89 -9.29
CA CYS A 54 -25.67 -2.28 -9.15
CA CYS A 54 -25.69 -2.22 -9.20
C CYS A 54 -24.80 -2.58 -10.39
N PRO A 55 -24.08 -1.57 -10.92
CA PRO A 55 -23.30 -1.84 -12.15
C PRO A 55 -22.20 -2.88 -11.88
N SER A 56 -21.99 -3.78 -12.82
CA SER A 56 -21.06 -4.89 -12.59
C SER A 56 -20.16 -5.14 -13.80
N ASN A 57 -20.10 -4.21 -14.74
CA ASN A 57 -19.33 -4.43 -15.96
C ASN A 57 -17.91 -3.86 -15.86
N TYR A 58 -17.41 -3.70 -14.63
CA TYR A 58 -16.05 -3.23 -14.39
C TYR A 58 -15.58 -3.92 -13.12
N LYS A 59 -14.30 -3.85 -12.83
CA LYS A 59 -13.78 -4.38 -11.58
C LYS A 59 -13.48 -3.21 -10.63
N TYR A 60 -14.11 -3.18 -9.45
CA TYR A 60 -13.74 -2.12 -8.47
C TYR A 60 -12.35 -2.37 -7.94
N VAL A 61 -11.47 -1.37 -8.05
CA VAL A 61 -10.21 -1.44 -7.36
C VAL A 61 -10.02 -0.13 -6.58
N SER A 62 -9.40 -0.23 -5.40
CA SER A 62 -9.22 0.94 -4.54
C SER A 62 -7.91 1.68 -4.82
N GLN A 63 -6.99 1.09 -5.58
CA GLN A 63 -5.76 1.79 -5.94
C GLN A 63 -5.41 1.49 -7.40
N ASN A 64 -4.59 2.34 -8.01
CA ASN A 64 -4.25 2.21 -9.42
C ASN A 64 -3.63 0.86 -9.74
N CYS A 65 -3.89 0.36 -10.95
CA CYS A 65 -3.27 -0.84 -11.39
C CYS A 65 -2.67 -0.61 -12.78
N VAL A 66 -1.99 -1.62 -13.30
CA VAL A 66 -1.50 -1.60 -14.68
C VAL A 66 -1.91 -2.90 -15.34
N THR A 67 -1.99 -2.88 -16.67
CA THR A 67 -1.95 -4.11 -17.42
C THR A 67 -0.52 -4.26 -17.98
N SER A 68 -0.24 -3.66 -19.14
CA SER A 68 1.14 -3.45 -19.62
C SER A 68 1.99 -2.72 -18.62
N PRO A 69 3.29 -3.06 -18.53
CA PRO A 69 4.11 -2.46 -17.49
C PRO A 69 4.26 -0.96 -17.74
N MET A 70 4.17 -0.19 -16.66
CA MET A 70 4.40 1.26 -16.70
C MET A 70 5.79 1.65 -16.21
N ASN A 71 6.43 0.75 -15.44
CA ASN A 71 7.82 0.99 -15.00
C ASN A 71 7.99 2.29 -14.20
N ILE A 72 7.02 2.56 -13.34
CA ILE A 72 7.09 3.71 -12.45
C ILE A 72 8.39 3.60 -11.64
N ASP A 73 9.12 4.71 -11.55
CA ASP A 73 10.37 4.67 -10.85
C ASP A 73 10.12 4.61 -9.33
N ARG A 74 10.32 3.43 -8.72
CA ARG A 74 10.13 3.27 -7.28
C ARG A 74 11.45 3.05 -6.54
N ASN A 75 12.57 3.44 -7.16
CA ASN A 75 13.85 3.40 -6.48
C ASN A 75 13.75 4.25 -5.20
N ILE A 76 13.85 3.61 -4.05
CA ILE A 76 13.69 4.33 -2.79
C ILE A 76 14.74 5.47 -2.62
N THR A 77 15.89 5.30 -3.23
CA THR A 77 16.94 6.35 -3.14
C THR A 77 16.66 7.53 -4.07
N HIS A 78 15.64 7.41 -4.91
CA HIS A 78 15.23 8.56 -5.74
C HIS A 78 14.26 9.49 -5.09
N LEU A 79 13.68 9.10 -3.97
CA LEU A 79 12.74 9.96 -3.25
C LEU A 79 13.45 11.15 -2.64
N GLN A 80 12.83 12.32 -2.72
CA GLN A 80 13.23 13.45 -1.92
C GLN A 80 12.36 13.41 -0.67
N TYR A 81 12.93 13.69 0.50
CA TYR A 81 12.19 13.43 1.74
C TYR A 81 12.57 14.48 2.77
N CYS A 82 11.81 14.60 3.86
CA CYS A 82 12.16 15.58 4.89
C CYS A 82 12.87 14.92 6.07
N VAL A 83 13.49 15.77 6.89
CA VAL A 83 14.24 15.33 8.05
C VAL A 83 13.63 15.94 9.32
N CYS A 84 12.37 16.31 9.21
CA CYS A 84 11.68 17.06 10.28
C CYS A 84 11.74 16.34 11.63
N ILE A 85 11.95 17.11 12.69
CA ILE A 85 11.95 16.55 14.04
C ILE A 85 10.62 16.83 14.76
N ASP A 86 9.69 17.47 14.04
CA ASP A 86 8.40 17.83 14.59
C ASP A 86 7.32 17.08 13.83
N ASP A 87 6.14 17.67 13.67
CA ASP A 87 5.05 17.02 12.95
C ASP A 87 4.86 17.56 11.53
N CYS A 88 5.93 18.13 10.97
CA CYS A 88 5.94 18.71 9.62
C CYS A 88 4.99 19.88 9.48
N SER A 89 4.90 20.70 10.51
CA SER A 89 4.10 21.89 10.40
C SER A 89 4.95 23.16 10.27
N SER A 90 6.26 23.01 10.10
CA SER A 90 7.13 24.18 9.96
C SER A 90 7.46 24.41 8.50
N SER A 91 7.91 25.62 8.17
CA SER A 91 8.24 25.91 6.78
C SER A 91 9.59 25.32 6.33
N ASN A 92 10.34 24.69 7.26
CA ASN A 92 11.56 23.91 6.92
C ASN A 92 11.33 22.54 6.26
N CYS A 93 10.12 21.97 6.37
CA CYS A 93 9.84 20.64 5.84
C CYS A 93 10.11 20.61 4.33
N MET A 94 11.07 19.80 3.92
CA MET A 94 11.37 19.66 2.49
C MET A 94 10.13 19.34 1.65
N CYS A 95 9.24 18.50 2.18
CA CYS A 95 8.12 18.02 1.39
C CYS A 95 7.11 19.16 1.20
N GLY A 96 6.96 19.99 2.23
CA GLY A 96 6.21 21.23 2.07
C GLY A 96 6.85 22.14 1.01
N GLN A 97 8.16 22.25 1.05
CA GLN A 97 8.88 23.09 0.10
CA GLN A 97 8.86 23.09 0.09
C GLN A 97 8.63 22.64 -1.34
N LEU A 98 8.65 21.33 -1.57
CA LEU A 98 8.35 20.79 -2.92
C LEU A 98 6.95 21.14 -3.37
N SER A 99 6.03 21.24 -2.40
CA SER A 99 4.62 21.55 -2.62
C SER A 99 4.40 23.05 -2.75
N MET A 100 5.50 23.80 -2.76
CA MET A 100 5.52 25.23 -2.55
CA MET A 100 5.46 25.26 -2.56
C MET A 100 5.39 25.58 -1.07
N ARG A 101 4.31 25.14 -0.44
CA ARG A 101 4.20 25.07 1.03
CA ARG A 101 4.24 25.03 1.02
C ARG A 101 3.33 23.87 1.35
N CYS A 102 3.35 23.41 2.60
CA CYS A 102 2.30 22.44 3.02
C CYS A 102 0.93 23.12 3.05
N TRP A 103 -0.02 22.61 2.26
CA TRP A 103 -1.33 23.25 2.16
C TRP A 103 -2.37 22.75 3.14
N TYR A 104 -2.04 21.75 3.95
CA TYR A 104 -3.02 21.12 4.85
C TYR A 104 -3.07 21.81 6.21
N ASP A 105 -4.27 22.13 6.70
CA ASP A 105 -4.42 22.52 8.11
C ASP A 105 -4.42 21.31 9.04
N LYS A 106 -4.67 21.55 10.33
CA LYS A 106 -4.52 20.50 11.34
C LYS A 106 -5.55 19.39 11.16
N ASP A 107 -6.64 19.72 10.48
CA ASP A 107 -7.70 18.77 10.17
C ASP A 107 -7.60 18.20 8.76
N GLY A 108 -6.50 18.49 8.07
CA GLY A 108 -6.23 17.86 6.79
C GLY A 108 -6.92 18.52 5.60
N ARG A 109 -7.49 19.70 5.83
CA ARG A 109 -8.16 20.43 4.76
CA ARG A 109 -8.19 20.46 4.79
C ARG A 109 -7.24 21.48 4.16
N LEU A 110 -7.43 21.76 2.88
CA LEU A 110 -6.60 22.75 2.19
C LEU A 110 -6.81 24.13 2.79
N LEU A 111 -5.72 24.88 2.92
CA LEU A 111 -5.81 26.25 3.44
C LEU A 111 -6.59 27.14 2.46
N PRO A 112 -7.23 28.19 2.98
CA PRO A 112 -8.03 29.07 2.11
C PRO A 112 -7.18 29.73 1.00
N GLU A 113 -5.89 29.92 1.26
CA GLU A 113 -4.98 30.47 0.25
C GLU A 113 -4.66 29.52 -0.91
N PHE A 114 -5.07 28.26 -0.83
CA PHE A 114 -4.80 27.31 -1.90
C PHE A 114 -5.49 27.74 -3.21
N ASN A 115 -4.74 27.72 -4.31
CA ASN A 115 -5.24 28.20 -5.61
C ASN A 115 -5.99 27.08 -6.33
N MET A 116 -7.30 27.08 -6.19
CA MET A 116 -8.13 26.04 -6.77
C MET A 116 -8.30 26.20 -8.26
N ALA A 117 -8.05 27.41 -8.76
CA ALA A 117 -8.07 27.70 -10.20
C ALA A 117 -6.82 27.14 -10.89
N GLU A 118 -5.72 27.08 -10.13
CA GLU A 118 -4.41 26.68 -10.67
C GLU A 118 -3.62 25.95 -9.58
N PRO A 119 -4.01 24.71 -9.26
CA PRO A 119 -3.42 24.01 -8.11
C PRO A 119 -1.94 23.70 -8.36
N PRO A 120 -1.10 23.83 -7.32
CA PRO A 120 0.28 23.32 -7.40
C PRO A 120 0.33 21.80 -7.29
N LEU A 121 1.47 21.20 -7.61
CA LEU A 121 1.68 19.78 -7.31
C LEU A 121 1.81 19.65 -5.79
N ILE A 122 1.17 18.65 -5.22
CA ILE A 122 1.38 18.36 -3.79
C ILE A 122 2.31 17.17 -3.57
N PHE A 123 3.35 17.35 -2.77
CA PHE A 123 4.20 16.23 -2.35
C PHE A 123 3.92 15.94 -0.88
N GLU A 124 3.19 14.87 -0.60
CA GLU A 124 3.00 14.44 0.78
C GLU A 124 4.27 13.77 1.29
N CYS A 125 4.39 13.63 2.61
CA CYS A 125 5.47 12.83 3.20
C CYS A 125 5.37 11.35 2.83
N ASN A 126 6.50 10.67 2.89
CA ASN A 126 6.60 9.31 2.40
C ASN A 126 7.43 8.47 3.39
N HIS A 127 7.61 7.19 3.07
CA HIS A 127 8.32 6.24 3.92
C HIS A 127 9.81 6.48 4.04
N ALA A 128 10.35 7.42 3.26
CA ALA A 128 11.76 7.82 3.44
C ALA A 128 11.94 9.01 4.41
N CYS A 129 10.86 9.76 4.66
CA CYS A 129 10.91 10.93 5.56
C CYS A 129 11.24 10.48 6.98
N SER A 130 11.79 11.38 7.77
CA SER A 130 12.14 11.06 9.15
C SER A 130 10.93 11.15 10.07
N CYS A 131 9.87 11.80 9.59
CA CYS A 131 8.70 12.10 10.42
C CYS A 131 7.86 10.84 10.69
N TRP A 132 6.89 10.94 11.59
CA TRP A 132 6.01 9.82 11.93
C TRP A 132 4.84 9.73 10.98
N ARG A 133 4.14 8.59 11.04
CA ARG A 133 3.07 8.31 10.05
C ARG A 133 1.88 9.27 10.21
N ASN A 134 1.82 9.96 11.35
CA ASN A 134 0.68 10.85 11.59
C ASN A 134 1.01 12.33 11.41
N CYS A 135 2.07 12.65 10.66
CA CYS A 135 2.47 14.06 10.51
C CYS A 135 1.42 14.85 9.72
N ARG A 136 1.53 16.17 9.76
N ARG A 136 1.57 16.17 9.74
CA ARG A 136 0.58 17.06 9.12
CA ARG A 136 0.64 17.10 9.13
C ARG A 136 0.42 16.80 7.63
C ARG A 136 0.45 16.87 7.63
N ASN A 137 1.51 16.39 6.98
CA ASN A 137 1.60 16.39 5.52
C ASN A 137 1.26 15.02 4.91
N ARG A 138 0.12 14.48 5.34
CA ARG A 138 -0.35 13.17 4.93
C ARG A 138 -1.85 13.20 5.01
N VAL A 139 -2.49 13.18 3.84
CA VAL A 139 -3.94 13.28 3.74
C VAL A 139 -4.43 12.30 2.67
N VAL A 140 -4.03 12.53 1.42
CA VAL A 140 -4.51 11.69 0.31
C VAL A 140 -4.03 10.24 0.53
N GLN A 141 -2.84 10.07 1.11
CA GLN A 141 -2.35 8.72 1.36
C GLN A 141 -3.17 7.97 2.42
N ASN A 142 -4.01 8.66 3.18
CA ASN A 142 -4.84 7.99 4.16
C ASN A 142 -6.15 7.47 3.56
N GLY A 143 -6.37 7.77 2.29
CA GLY A 143 -7.51 7.19 1.54
C GLY A 143 -8.86 7.84 1.80
N LEU A 144 -9.88 7.29 1.16
CA LEU A 144 -11.22 7.87 1.17
C LEU A 144 -11.79 7.72 2.58
N ARG A 145 -12.37 8.82 3.09
CA ARG A 145 -13.01 8.85 4.40
C ARG A 145 -14.48 9.27 4.34
N ALA A 146 -14.85 10.08 3.33
CA ALA A 146 -16.18 10.69 3.31
C ALA A 146 -17.22 9.61 3.02
N ARG A 147 -18.42 9.80 3.56
CA ARG A 147 -19.53 8.90 3.34
C ARG A 147 -20.16 9.21 1.98
N LEU A 148 -19.84 8.38 0.98
CA LEU A 148 -20.32 8.60 -0.38
C LEU A 148 -21.35 7.53 -0.77
N GLN A 149 -22.10 7.79 -1.83
CA GLN A 149 -23.13 6.86 -2.27
C GLN A 149 -23.22 6.89 -3.78
N LEU A 150 -23.11 5.72 -4.42
CA LEU A 150 -23.45 5.61 -5.86
C LEU A 150 -24.99 5.57 -6.02
N TYR A 151 -25.51 6.38 -6.93
CA TYR A 151 -26.96 6.47 -7.11
C TYR A 151 -27.36 6.63 -8.57
N ARG A 152 -28.57 6.22 -8.89
CA ARG A 152 -29.07 6.36 -10.24
C ARG A 152 -29.67 7.77 -10.42
N THR A 153 -29.07 8.56 -11.33
CA THR A 153 -29.59 9.91 -11.64
C THR A 153 -30.75 9.78 -12.59
N ARG A 154 -31.51 10.85 -12.77
CA ARG A 154 -32.59 10.83 -13.74
C ARG A 154 -32.18 10.71 -15.22
N ASP A 155 -31.06 11.31 -15.61
CA ASP A 155 -30.71 11.31 -17.05
C ASP A 155 -29.22 11.24 -17.40
N MET A 156 -28.38 11.02 -16.39
CA MET A 156 -26.96 10.87 -16.62
C MET A 156 -26.41 9.50 -16.19
N GLY A 157 -27.24 8.46 -16.21
CA GLY A 157 -26.77 7.15 -15.70
C GLY A 157 -26.49 7.19 -14.21
N TRP A 158 -25.38 6.60 -13.78
CA TRP A 158 -24.99 6.62 -12.38
C TRP A 158 -24.32 7.93 -12.03
N GLY A 159 -24.50 8.38 -10.79
CA GLY A 159 -23.70 9.51 -10.27
C GLY A 159 -23.22 9.20 -8.85
N VAL A 160 -22.44 10.11 -8.26
CA VAL A 160 -21.99 9.91 -6.88
C VAL A 160 -22.44 11.09 -6.05
N ARG A 161 -23.08 10.83 -4.89
CA ARG A 161 -23.44 11.91 -4.00
C ARG A 161 -22.69 11.74 -2.68
N SER A 162 -22.65 12.80 -1.88
CA SER A 162 -22.14 12.73 -0.51
C SER A 162 -23.35 12.50 0.41
N LEU A 163 -23.18 11.65 1.39
CA LEU A 163 -24.22 11.45 2.40
C LEU A 163 -24.08 12.40 3.58
N GLN A 164 -23.02 13.21 3.60
CA GLN A 164 -22.85 14.15 4.69
CA GLN A 164 -22.68 14.09 4.72
C GLN A 164 -22.27 15.47 4.20
N ASP A 165 -22.38 16.50 5.04
CA ASP A 165 -21.73 17.78 4.73
C ASP A 165 -20.24 17.57 4.60
N ILE A 166 -19.64 18.13 3.56
CA ILE A 166 -18.19 18.09 3.41
C ILE A 166 -17.66 19.51 3.37
N PRO A 167 -16.88 19.90 4.39
CA PRO A 167 -16.37 21.26 4.46
C PRO A 167 -15.47 21.57 3.25
N PRO A 168 -15.26 22.85 2.95
CA PRO A 168 -14.40 23.19 1.82
C PRO A 168 -12.98 22.71 2.03
N GLY A 169 -12.28 22.35 0.95
CA GLY A 169 -10.88 21.97 1.03
C GLY A 169 -10.65 20.55 1.54
N THR A 170 -11.69 19.73 1.56
CA THR A 170 -11.57 18.37 2.08
C THR A 170 -11.25 17.43 0.94
N PHE A 171 -10.34 16.49 1.19
CA PHE A 171 -10.08 15.38 0.25
C PHE A 171 -11.27 14.43 0.22
N VAL A 172 -11.81 14.23 -0.97
CA VAL A 172 -13.06 13.48 -1.12
C VAL A 172 -12.74 12.09 -1.65
N CYS A 173 -12.06 12.01 -2.80
CA CYS A 173 -11.66 10.70 -3.31
C CYS A 173 -10.61 10.86 -4.41
N GLU A 174 -9.94 9.76 -4.75
CA GLU A 174 -8.92 9.79 -5.79
C GLU A 174 -9.48 9.18 -7.09
N TYR A 175 -9.09 9.74 -8.24
CA TYR A 175 -9.47 9.12 -9.51
C TYR A 175 -8.55 7.94 -9.78
N VAL A 176 -9.08 6.74 -9.62
CA VAL A 176 -8.28 5.52 -9.57
C VAL A 176 -8.63 4.65 -10.77
N GLY A 177 -7.62 4.00 -11.35
CA GLY A 177 -7.90 3.15 -12.48
C GLY A 177 -6.64 2.48 -13.03
N GLU A 178 -6.72 2.06 -14.29
CA GLU A 178 -5.64 1.40 -14.99
C GLU A 178 -4.76 2.47 -15.66
N LEU A 179 -3.48 2.49 -15.28
CA LEU A 179 -2.50 3.42 -15.82
C LEU A 179 -2.03 2.94 -17.18
N ILE A 180 -2.19 3.78 -18.20
CA ILE A 180 -1.88 3.42 -19.58
C ILE A 180 -1.19 4.58 -20.31
N SER A 181 -0.52 4.27 -21.40
CA SER A 181 0.11 5.33 -22.16
C SER A 181 -0.95 6.14 -22.91
N ASP A 182 -0.57 7.36 -23.29
CA ASP A 182 -1.32 8.17 -24.22
C ASP A 182 -1.69 7.42 -25.51
N SER A 183 -0.71 6.67 -26.03
CA SER A 183 -0.89 5.88 -27.25
CA SER A 183 -0.90 5.88 -27.25
C SER A 183 -2.06 4.89 -27.14
N GLU A 184 -2.07 4.13 -26.05
CA GLU A 184 -3.07 3.10 -25.80
C GLU A 184 -4.44 3.76 -25.55
N ALA A 185 -4.43 4.86 -24.79
CA ALA A 185 -5.64 5.63 -24.54
C ALA A 185 -6.28 6.08 -25.84
N ASP A 186 -5.46 6.35 -26.86
CA ASP A 186 -5.99 6.90 -28.09
C ASP A 186 -6.77 5.85 -28.89
N VAL A 187 -6.63 4.58 -28.53
CA VAL A 187 -7.35 3.55 -29.28
C VAL A 187 -8.37 2.80 -28.42
N ARG A 188 -8.56 3.23 -27.18
CA ARG A 188 -9.62 2.67 -26.34
C ARG A 188 -10.98 3.14 -26.90
N GLU A 189 -11.83 2.20 -27.30
CA GLU A 189 -13.11 2.58 -27.91
C GLU A 189 -14.05 3.27 -26.93
N GLU A 190 -14.04 2.79 -25.68
CA GLU A 190 -14.81 3.41 -24.63
C GLU A 190 -13.95 4.46 -23.95
N ASP A 191 -14.27 5.73 -24.21
CA ASP A 191 -13.48 6.82 -23.68
C ASP A 191 -14.19 7.67 -22.61
N SER A 192 -15.26 7.15 -22.02
CA SER A 192 -15.97 7.89 -20.97
C SER A 192 -15.21 7.97 -19.64
N TYR A 193 -14.15 7.17 -19.50
CA TYR A 193 -13.48 7.07 -18.21
C TYR A 193 -11.98 7.36 -18.30
N LEU A 194 -11.55 8.04 -19.37
CA LEU A 194 -10.14 8.38 -19.54
C LEU A 194 -9.78 9.71 -18.85
N PHE A 195 -8.69 9.70 -18.07
CA PHE A 195 -8.21 10.92 -17.41
C PHE A 195 -6.73 11.17 -17.70
N ASP A 196 -6.40 12.23 -18.47
CA ASP A 196 -4.99 12.50 -18.86
C ASP A 196 -4.22 12.98 -17.62
N LEU A 197 -3.00 12.46 -17.41
CA LEU A 197 -2.22 12.85 -16.23
C LEU A 197 -1.39 14.11 -16.48
N ASP A 198 -1.27 14.48 -17.76
CA ASP A 198 -0.43 15.60 -18.15
C ASP A 198 -0.98 16.13 -19.47
N ASN A 199 -0.90 17.44 -19.67
CA ASN A 199 -1.52 18.02 -20.87
C ASN A 199 -0.52 18.25 -21.99
N LYS A 200 0.75 17.90 -21.75
CA LYS A 200 1.79 18.14 -22.75
C LYS A 200 1.85 17.01 -23.78
N ASP A 201 2.68 17.19 -24.81
CA ASP A 201 2.95 16.18 -25.83
C ASP A 201 4.03 15.24 -25.33
N GLY A 202 4.37 14.24 -26.14
CA GLY A 202 5.55 13.43 -25.85
C GLY A 202 5.18 12.27 -24.97
N GLU A 203 6.04 11.91 -24.02
CA GLU A 203 5.79 10.75 -23.17
C GLU A 203 4.78 11.06 -22.08
N VAL A 204 3.52 10.69 -22.27
CA VAL A 204 2.51 11.02 -21.29
C VAL A 204 1.60 9.84 -21.06
N TYR A 205 0.89 9.86 -19.93
CA TYR A 205 0.14 8.72 -19.45
C TYR A 205 -1.27 9.15 -19.05
N CYS A 206 -2.13 8.16 -18.80
CA CYS A 206 -3.54 8.39 -18.66
CA CYS A 206 -3.54 8.40 -18.59
C CYS A 206 -4.04 7.33 -17.67
N ILE A 207 -5.10 7.66 -16.92
CA ILE A 207 -5.80 6.65 -16.15
C ILE A 207 -7.05 6.25 -16.91
N ASP A 208 -7.22 4.96 -17.20
CA ASP A 208 -8.51 4.51 -17.74
C ASP A 208 -9.26 3.77 -16.65
N ALA A 209 -10.42 4.30 -16.27
CA ALA A 209 -11.22 3.66 -15.20
C ALA A 209 -12.36 2.81 -15.77
N ARG A 210 -12.33 2.54 -17.07
CA ARG A 210 -13.36 1.71 -17.71
C ARG A 210 -13.41 0.29 -17.16
N PHE A 211 -12.26 -0.38 -17.14
CA PHE A 211 -12.26 -1.80 -16.83
C PHE A 211 -11.92 -2.05 -15.36
N TYR A 212 -11.06 -1.18 -14.83
CA TYR A 212 -10.68 -1.17 -13.42
C TYR A 212 -10.78 0.26 -12.93
N GLY A 213 -11.52 0.47 -11.84
CA GLY A 213 -11.68 1.83 -11.31
C GLY A 213 -12.29 1.81 -9.92
N ASN A 214 -12.24 2.94 -9.23
CA ASN A 214 -12.99 3.10 -7.98
C ASN A 214 -14.22 3.97 -8.14
N VAL A 215 -14.74 4.49 -7.02
CA VAL A 215 -16.01 5.20 -7.01
C VAL A 215 -15.97 6.42 -7.94
N SER A 216 -14.78 6.98 -8.16
CA SER A 216 -14.62 8.22 -8.92
C SER A 216 -15.00 8.08 -10.37
N ARG A 217 -14.95 6.85 -10.86
CA ARG A 217 -15.33 6.59 -12.25
C ARG A 217 -16.76 6.99 -12.54
N PHE A 218 -17.59 7.08 -11.49
CA PHE A 218 -19.01 7.36 -11.65
C PHE A 218 -19.35 8.85 -11.46
N ILE A 219 -18.36 9.66 -11.12
CA ILE A 219 -18.62 11.10 -10.94
C ILE A 219 -18.92 11.80 -12.27
N ASN A 220 -20.02 12.55 -12.33
CA ASN A 220 -20.39 13.22 -13.55
C ASN A 220 -19.69 14.57 -13.69
N HIS A 221 -19.65 15.08 -14.92
CA HIS A 221 -19.13 16.42 -15.17
C HIS A 221 -20.16 17.44 -14.73
N HIS A 222 -19.68 18.50 -14.08
CA HIS A 222 -20.52 19.66 -13.79
C HIS A 222 -19.82 20.95 -14.14
N CYS A 223 -20.55 21.89 -14.73
CA CYS A 223 -19.96 23.13 -15.23
C CYS A 223 -19.58 24.11 -14.13
N GLU A 224 -20.17 23.93 -12.94
CA GLU A 224 -19.79 24.67 -11.74
C GLU A 224 -19.43 23.70 -10.62
N PRO A 225 -18.26 23.04 -10.73
CA PRO A 225 -18.05 21.82 -9.98
C PRO A 225 -17.84 22.08 -8.50
N ASN A 226 -18.15 21.08 -7.69
CA ASN A 226 -17.83 21.18 -6.29
C ASN A 226 -16.58 20.38 -5.91
N LEU A 227 -15.93 19.78 -6.91
CA LEU A 227 -14.63 19.12 -6.76
C LEU A 227 -13.59 19.69 -7.74
N VAL A 228 -12.33 19.75 -7.29
CA VAL A 228 -11.21 20.12 -8.17
C VAL A 228 -10.12 19.04 -8.09
N PRO A 229 -9.62 18.57 -9.24
CA PRO A 229 -8.55 17.56 -9.23
C PRO A 229 -7.18 18.18 -8.95
N VAL A 230 -6.41 17.55 -8.07
CA VAL A 230 -5.09 18.05 -7.70
C VAL A 230 -4.12 16.91 -7.93
N ARG A 231 -2.97 17.22 -8.53
CA ARG A 231 -1.93 16.23 -8.74
CA ARG A 231 -1.91 16.25 -8.74
C ARG A 231 -1.10 16.03 -7.46
N VAL A 232 -0.94 14.79 -7.07
CA VAL A 232 -0.31 14.45 -5.77
C VAL A 232 0.73 13.34 -5.92
N PHE A 233 1.82 13.44 -5.16
CA PHE A 233 2.84 12.40 -5.06
C PHE A 233 2.95 11.93 -3.61
N MET A 234 2.97 10.62 -3.46
CA MET A 234 3.05 9.97 -2.16
C MET A 234 4.23 8.98 -2.08
N ALA A 235 3.97 7.72 -2.38
CA ALA A 235 5.01 6.68 -2.26
C ALA A 235 6.15 6.77 -3.26
N HIS A 236 5.90 7.39 -4.42
CA HIS A 236 6.96 7.61 -5.42
C HIS A 236 6.81 9.02 -5.92
N GLN A 237 7.87 9.57 -6.52
CA GLN A 237 7.84 10.93 -7.04
C GLN A 237 8.23 10.94 -8.52
N ASP A 238 7.75 9.92 -9.22
CA ASP A 238 7.88 9.84 -10.67
C ASP A 238 6.88 10.80 -11.34
N LEU A 239 7.39 11.93 -11.82
CA LEU A 239 6.54 13.04 -12.26
C LEU A 239 5.67 12.63 -13.47
N ARG A 240 5.97 11.49 -14.07
CA ARG A 240 5.14 11.00 -15.19
C ARG A 240 3.79 10.46 -14.69
N PHE A 241 3.75 10.14 -13.40
CA PHE A 241 2.60 9.46 -12.82
C PHE A 241 2.05 10.16 -11.56
N PRO A 242 1.57 11.41 -11.71
CA PRO A 242 0.88 11.99 -10.58
C PRO A 242 -0.38 11.18 -10.26
N ARG A 243 -0.82 11.21 -9.00
CA ARG A 243 -2.13 10.64 -8.66
C ARG A 243 -3.14 11.79 -8.56
N ILE A 244 -4.40 11.53 -8.92
CA ILE A 244 -5.38 12.59 -9.10
C ILE A 244 -6.31 12.57 -7.88
N ALA A 245 -6.24 13.61 -7.05
CA ALA A 245 -7.03 13.69 -5.80
C ALA A 245 -8.06 14.80 -5.96
N PHE A 246 -9.33 14.46 -5.77
CA PHE A 246 -10.39 15.47 -5.79
C PHE A 246 -10.56 16.07 -4.40
N PHE A 247 -10.49 17.41 -4.32
CA PHE A 247 -10.84 18.15 -3.08
C PHE A 247 -12.12 18.95 -3.28
N SER A 248 -12.87 19.19 -2.21
CA SER A 248 -14.08 20.00 -2.32
C SER A 248 -13.70 21.48 -2.47
N THR A 249 -14.41 22.20 -3.35
CA THR A 249 -14.10 23.60 -3.64
C THR A 249 -14.94 24.54 -2.77
N ARG A 250 -15.89 23.96 -2.06
CA ARG A 250 -16.85 24.70 -1.23
C ARG A 250 -17.48 23.68 -0.30
N LEU A 251 -18.29 24.13 0.64
CA LEU A 251 -19.12 23.22 1.42
C LEU A 251 -20.00 22.44 0.46
N ILE A 252 -19.91 21.12 0.53
CA ILE A 252 -20.87 20.25 -0.17
C ILE A 252 -21.84 19.73 0.87
N GLU A 253 -23.14 19.95 0.67
CA GLU A 253 -24.15 19.53 1.63
C GLU A 253 -24.55 18.05 1.50
N ALA A 254 -24.86 17.41 2.62
CA ALA A 254 -25.53 16.11 2.65
C ALA A 254 -26.53 16.00 1.50
N GLY A 255 -26.39 14.96 0.67
CA GLY A 255 -27.31 14.75 -0.45
C GLY A 255 -26.86 15.29 -1.81
N GLU A 256 -25.92 16.24 -1.84
CA GLU A 256 -25.49 16.86 -3.12
C GLU A 256 -24.73 15.89 -4.03
N GLN A 257 -24.95 15.97 -5.34
CA GLN A 257 -24.18 15.18 -6.29
C GLN A 257 -22.75 15.74 -6.39
N LEU A 258 -21.75 14.86 -6.51
CA LEU A 258 -20.36 15.28 -6.75
C LEU A 258 -20.18 15.60 -8.23
N GLY A 259 -19.40 16.63 -8.55
CA GLY A 259 -19.13 16.93 -9.95
C GLY A 259 -17.76 17.59 -10.07
N PHE A 260 -17.07 17.30 -11.17
CA PHE A 260 -15.88 18.08 -11.51
C PHE A 260 -15.94 18.49 -12.97
N ASP A 261 -15.11 19.46 -13.34
CA ASP A 261 -15.04 19.92 -14.71
C ASP A 261 -14.14 18.96 -15.50
N ALA A 262 -14.72 18.20 -16.42
CA ALA A 262 -13.99 17.21 -17.22
C ALA A 262 -13.06 17.88 -18.23
N GLY A 263 -13.37 19.11 -18.61
CA GLY A 263 -12.39 19.93 -19.35
C GLY A 263 -12.63 19.88 -20.84
N GLU A 264 -11.83 20.63 -21.58
CA GLU A 264 -12.07 20.81 -23.02
C GLU A 264 -11.69 19.57 -23.83
N ARG A 265 -10.65 18.86 -23.41
CA ARG A 265 -10.19 17.64 -24.10
C ARG A 265 -11.21 16.49 -23.98
N PHE A 266 -12.13 16.61 -23.02
CA PHE A 266 -13.30 15.72 -22.97
C PHE A 266 -14.43 16.19 -23.90
N TRP A 267 -14.86 17.44 -23.74
CA TRP A 267 -16.06 17.92 -24.42
C TRP A 267 -15.86 18.19 -25.89
N ASP A 268 -14.60 18.36 -26.30
CA ASP A 268 -14.26 18.54 -27.70
C ASP A 268 -14.62 17.29 -28.50
N ILE A 269 -14.48 16.13 -27.84
CA ILE A 269 -14.91 14.87 -28.41
C ILE A 269 -16.40 14.62 -28.14
N LYS A 270 -16.81 14.71 -26.89
CA LYS A 270 -18.12 14.21 -26.48
C LYS A 270 -19.27 15.15 -26.87
N GLY A 271 -18.97 16.45 -26.91
CA GLY A 271 -19.96 17.45 -27.28
C GLY A 271 -20.50 17.30 -28.69
N LYS A 272 -19.77 16.58 -29.54
CA LYS A 272 -20.27 16.23 -30.88
C LYS A 272 -21.25 15.08 -30.81
N LEU A 273 -21.43 14.49 -29.63
CA LEU A 273 -22.28 13.32 -29.48
C LEU A 273 -23.51 13.61 -28.62
N PHE A 274 -23.30 14.32 -27.52
CA PHE A 274 -24.40 14.78 -26.66
C PHE A 274 -24.01 16.10 -26.02
N SER A 275 -25.01 16.86 -25.56
CA SER A 275 -24.71 18.08 -24.80
C SER A 275 -24.72 17.85 -23.28
N CYS A 276 -24.11 18.78 -22.55
CA CYS A 276 -24.03 18.67 -21.10
C CYS A 276 -25.41 18.80 -20.45
N ARG A 277 -25.67 17.97 -19.44
CA ARG A 277 -26.95 18.00 -18.75
C ARG A 277 -26.74 18.26 -17.25
N CYS A 278 -25.70 19.03 -16.92
CA CYS A 278 -25.37 19.30 -15.53
C CYS A 278 -26.42 20.21 -14.89
N GLY A 279 -27.17 20.91 -15.74
CA GLY A 279 -28.30 21.72 -15.30
C GLY A 279 -27.92 23.09 -14.77
N SER A 280 -26.62 23.38 -14.69
CA SER A 280 -26.17 24.70 -14.24
C SER A 280 -26.72 25.79 -15.13
N PRO A 281 -27.24 26.87 -14.50
CA PRO A 281 -27.62 28.07 -15.25
C PRO A 281 -26.44 28.61 -16.05
N LYS A 282 -25.21 28.41 -15.55
CA LYS A 282 -23.98 28.82 -16.24
C LYS A 282 -23.34 27.68 -17.06
N CYS A 283 -24.14 26.69 -17.45
CA CYS A 283 -23.62 25.54 -18.18
C CYS A 283 -22.89 25.98 -19.46
N ARG A 284 -21.72 25.41 -19.73
CA ARG A 284 -20.92 25.85 -20.88
C ARG A 284 -20.94 24.86 -22.06
N HIS A 285 -21.61 23.73 -21.88
CA HIS A 285 -21.49 22.63 -22.84
C HIS A 285 -22.82 22.10 -23.29
N SER A 286 -23.87 22.89 -23.09
CA SER A 286 -25.18 22.49 -23.56
C SER A 286 -25.53 23.28 -24.83
N THR B 1 -6.03 17.39 -32.42
CA THR B 1 -6.61 16.81 -31.17
C THR B 1 -5.98 15.47 -30.74
N LYS B 2 -6.63 14.77 -29.82
CA LYS B 2 -6.50 13.31 -29.65
C LYS B 2 -7.75 12.62 -30.24
N GLN B 3 -7.68 11.28 -30.42
CA GLN B 3 -8.82 10.52 -31.00
C GLN B 3 -9.95 10.23 -30.02
N THR B 4 -9.60 10.03 -28.76
CA THR B 4 -10.54 9.67 -27.71
C THR B 4 -10.69 10.82 -26.70
N ALA B 5 -11.89 10.96 -26.15
CA ALA B 5 -12.10 11.93 -25.05
C ALA B 5 -11.18 11.66 -23.84
N ARG B 6 -10.55 12.72 -23.33
CA ARG B 6 -9.77 12.67 -22.09
C ARG B 6 -10.26 13.76 -21.16
N LDH B 7 -10.55 13.40 -19.91
CA LDH B 7 -10.61 14.39 -18.82
CB LDH B 7 -11.11 13.73 -17.51
CG LDH B 7 -12.46 13.03 -17.78
CD LDH B 7 -13.02 12.28 -16.55
CE LDH B 7 -13.92 11.10 -16.97
NZ LDH B 7 -15.16 11.59 -17.61
CH LDH B 7 -16.33 11.49 -16.72
C1 LDH B 7 -16.74 12.84 -16.09
C LDH B 7 -9.19 14.97 -18.64
O LDH B 7 -8.18 14.30 -18.90
N SER B 8 -9.12 16.25 -18.27
CA SER B 8 -7.82 16.85 -17.98
C SER B 8 -7.87 17.77 -16.76
N THR B 9 -6.78 17.78 -15.99
CA THR B 9 -6.64 18.68 -14.85
C THR B 9 -5.80 19.88 -15.27
N SER C 24 21.41 -5.85 37.32
CA SER C 24 21.25 -5.08 36.05
C SER C 24 20.35 -3.85 36.24
N PRO C 25 20.30 -2.97 35.21
CA PRO C 25 19.49 -1.76 35.31
C PRO C 25 17.98 -2.04 35.29
N VAL C 26 17.20 -1.16 35.91
CA VAL C 26 15.79 -1.08 35.58
C VAL C 26 15.66 -0.93 34.07
N GLU C 27 14.76 -1.72 33.49
CA GLU C 27 14.44 -1.65 32.09
C GLU C 27 14.15 -0.21 31.62
N ARG C 28 14.85 0.23 30.57
CA ARG C 28 14.74 1.60 30.04
C ARG C 28 13.99 1.52 28.73
N ILE C 29 12.97 2.36 28.56
CA ILE C 29 12.30 2.46 27.26
C ILE C 29 13.13 3.37 26.38
N VAL C 30 13.70 2.82 25.31
CA VAL C 30 14.57 3.61 24.46
C VAL C 30 13.91 4.08 23.19
N SER C 31 12.79 3.46 22.83
CA SER C 31 11.90 4.03 21.86
C SER C 31 10.48 3.55 22.14
N ARG C 32 9.51 4.44 22.02
CA ARG C 32 8.10 4.05 22.14
C ARG C 32 7.61 3.26 20.94
N ASP C 33 8.22 3.48 19.78
CA ASP C 33 7.79 2.78 18.57
C ASP C 33 8.88 2.89 17.49
N ILE C 34 9.58 1.80 17.22
CA ILE C 34 10.64 1.86 16.20
C ILE C 34 10.05 2.04 14.80
N ALA C 35 8.77 1.75 14.62
CA ALA C 35 8.14 1.86 13.31
C ALA C 35 7.58 3.27 13.04
N ARG C 36 7.71 4.19 14.00
CA ARG C 36 7.26 5.59 13.82
C ARG C 36 5.79 5.67 13.39
N GLY C 37 4.97 4.76 13.90
CA GLY C 37 3.54 4.75 13.62
C GLY C 37 3.16 4.05 12.32
N TYR C 38 4.11 3.42 11.64
CA TYR C 38 3.77 2.70 10.41
C TYR C 38 3.12 1.35 10.57
N GLU C 39 3.15 0.76 11.76
CA GLU C 39 2.42 -0.50 11.95
C GLU C 39 1.10 -0.23 12.65
N ARG C 40 0.25 -1.23 12.79
CA ARG C 40 -1.05 -0.96 13.41
C ARG C 40 -0.98 -0.88 14.93
N ILE C 41 0.11 -1.36 15.52
CA ILE C 41 0.42 -1.06 16.92
C ILE C 41 1.89 -0.65 17.02
N PRO C 42 2.28 0.02 18.12
CA PRO C 42 3.69 0.39 18.25
C PRO C 42 4.58 -0.83 18.50
N ILE C 43 5.84 -0.74 18.10
CA ILE C 43 6.83 -1.69 18.52
C ILE C 43 7.92 -1.01 19.35
N PRO C 44 7.78 -1.01 20.69
CA PRO C 44 8.74 -0.28 21.49
C PRO C 44 10.06 -1.04 21.56
N CYS C 45 11.10 -0.31 21.92
CA CYS C 45 12.41 -0.90 22.14
C CYS C 45 12.83 -0.66 23.58
N VAL C 46 13.21 -1.72 24.29
CA VAL C 46 13.66 -1.57 25.67
C VAL C 46 15.04 -2.19 25.88
N ASN C 47 15.71 -1.75 26.94
CA ASN C 47 17.03 -2.25 27.25
C ASN C 47 17.21 -2.39 28.76
N ALA C 48 17.15 -3.62 29.25
CA ALA C 48 17.32 -3.88 30.66
C ALA C 48 18.71 -4.46 30.92
N VAL C 49 19.65 -4.16 30.02
CA VAL C 49 20.93 -4.87 29.98
C VAL C 49 22.12 -3.92 30.00
N ASP C 50 22.18 -3.01 29.03
CA ASP C 50 23.30 -2.08 28.92
C ASP C 50 22.84 -0.68 28.49
N SER C 51 23.79 0.10 27.97
CA SER C 51 23.55 1.51 27.62
C SER C 51 23.45 1.69 26.11
N GLU C 52 23.39 0.58 25.37
CA GLU C 52 23.18 0.65 23.92
C GLU C 52 21.87 1.36 23.59
N PRO C 53 21.95 2.38 22.72
CA PRO C 53 20.76 3.13 22.30
C PRO C 53 19.88 2.32 21.35
N CYS C 54 18.68 2.82 21.12
CA CYS C 54 17.83 2.29 20.06
C CYS C 54 18.63 2.17 18.76
N PRO C 55 18.69 0.96 18.17
CA PRO C 55 19.49 0.78 16.97
C PRO C 55 18.91 1.61 15.83
N SER C 56 19.77 2.31 15.10
CA SER C 56 19.30 3.26 14.10
C SER C 56 20.24 3.28 12.88
N ASN C 57 20.94 2.17 12.70
CA ASN C 57 21.80 1.95 11.55
C ASN C 57 21.08 1.45 10.30
N TYR C 58 19.82 1.86 10.11
CA TYR C 58 18.97 1.36 9.04
C TYR C 58 17.72 2.24 9.01
N LYS C 59 16.94 2.12 7.95
CA LYS C 59 15.67 2.80 7.85
C LYS C 59 14.54 1.80 8.04
N TYR C 60 13.67 2.04 9.02
CA TYR C 60 12.51 1.17 9.19
C TYR C 60 11.51 1.41 8.06
N VAL C 61 11.18 0.34 7.32
CA VAL C 61 10.08 0.32 6.36
C VAL C 61 9.14 -0.85 6.68
N SER C 62 7.84 -0.61 6.59
CA SER C 62 6.89 -1.66 6.91
C SER C 62 6.61 -2.60 5.75
N GLN C 63 7.03 -2.23 4.54
CA GLN C 63 6.84 -3.11 3.38
C GLN C 63 8.06 -3.07 2.46
N ASN C 64 8.22 -4.11 1.64
CA ASN C 64 9.44 -4.25 0.83
C ASN C 64 9.65 -3.03 -0.06
N CYS C 65 10.89 -2.80 -0.44
CA CYS C 65 11.22 -1.69 -1.31
C CYS C 65 12.25 -2.20 -2.31
N VAL C 66 12.57 -1.37 -3.30
CA VAL C 66 13.67 -1.64 -4.20
C VAL C 66 14.59 -0.44 -4.27
N THR C 67 15.84 -0.67 -4.65
CA THR C 67 16.65 0.38 -5.19
C THR C 67 16.62 0.25 -6.73
N SER C 68 17.55 -0.50 -7.31
N SER C 68 17.53 -0.55 -7.29
CA SER C 68 17.48 -0.77 -8.74
CA SER C 68 17.48 -0.88 -8.71
C SER C 68 16.25 -1.61 -9.08
C SER C 68 16.20 -1.62 -9.04
N PRO C 69 15.66 -1.41 -10.26
CA PRO C 69 14.37 -2.00 -10.60
C PRO C 69 14.39 -3.53 -10.62
N MET C 70 13.35 -4.15 -10.08
CA MET C 70 13.21 -5.60 -10.11
C MET C 70 12.29 -6.11 -11.21
N ASN C 71 11.43 -5.22 -11.73
N ASN C 71 11.57 -5.21 -11.87
CA ASN C 71 10.54 -5.56 -12.83
CA ASN C 71 10.55 -5.59 -12.86
C ASN C 71 9.55 -6.65 -12.48
C ASN C 71 9.65 -6.74 -12.41
N ILE C 72 8.98 -6.56 -11.28
CA ILE C 72 7.98 -7.52 -10.81
C ILE C 72 6.76 -7.44 -11.73
N ASP C 73 6.22 -8.57 -12.13
CA ASP C 73 5.07 -8.60 -13.02
C ASP C 73 3.84 -8.22 -12.19
N ARG C 74 3.30 -7.02 -12.46
CA ARG C 74 2.11 -6.53 -11.75
C ARG C 74 0.96 -6.31 -12.74
N ASN C 75 1.02 -6.97 -13.89
CA ASN C 75 -0.06 -6.90 -14.85
C ASN C 75 -1.30 -7.51 -14.19
N ILE C 76 -2.32 -6.70 -13.93
CA ILE C 76 -3.49 -7.24 -13.22
C ILE C 76 -4.16 -8.41 -13.94
N THR C 77 -4.07 -8.43 -15.27
CA THR C 77 -4.67 -9.53 -16.00
C THR C 77 -3.93 -10.86 -15.82
N HIS C 78 -2.73 -10.83 -15.24
CA HIS C 78 -1.94 -12.04 -15.02
C HIS C 78 -2.25 -12.71 -13.71
N LEU C 79 -3.01 -12.03 -12.83
CA LEU C 79 -3.43 -12.65 -11.57
C LEU C 79 -4.43 -13.77 -11.79
N GLN C 80 -4.20 -14.90 -11.13
CA GLN C 80 -5.28 -15.85 -10.93
C GLN C 80 -6.09 -15.37 -9.76
N TYR C 81 -7.37 -15.70 -9.76
CA TYR C 81 -8.25 -15.13 -8.75
C TYR C 81 -9.45 -16.02 -8.62
N CYS C 82 -10.26 -15.78 -7.59
CA CYS C 82 -11.40 -16.63 -7.35
C CYS C 82 -12.69 -15.88 -7.65
N VAL C 83 -13.74 -16.66 -7.83
CA VAL C 83 -15.06 -16.10 -8.12
C VAL C 83 -16.04 -16.48 -7.02
N CYS C 84 -15.50 -16.74 -5.83
CA CYS C 84 -16.31 -17.19 -4.71
C CYS C 84 -17.42 -16.21 -4.40
N ILE C 85 -18.58 -16.76 -4.03
CA ILE C 85 -19.76 -16.00 -3.61
C ILE C 85 -19.95 -16.13 -2.09
N ASP C 86 -18.95 -16.69 -1.41
CA ASP C 86 -19.02 -16.87 0.02
C ASP C 86 -17.80 -16.21 0.67
N ASP C 87 -17.35 -16.75 1.80
CA ASP C 87 -16.15 -16.20 2.46
C ASP C 87 -14.86 -16.93 2.13
N CYS C 88 -14.84 -17.66 1.01
CA CYS C 88 -13.64 -18.37 0.56
C CYS C 88 -13.21 -19.48 1.52
N SER C 89 -14.19 -20.18 2.10
CA SER C 89 -13.85 -21.29 2.96
C SER C 89 -14.21 -22.62 2.31
N SER C 90 -14.67 -22.57 1.06
CA SER C 90 -15.06 -23.79 0.37
C SER C 90 -13.93 -24.25 -0.53
N SER C 91 -13.97 -25.51 -0.93
CA SER C 91 -12.85 -26.07 -1.68
C SER C 91 -12.90 -25.62 -3.16
N ASN C 92 -13.95 -24.90 -3.55
CA ASN C 92 -14.03 -24.34 -4.89
C ASN C 92 -13.23 -23.04 -5.10
N CYS C 93 -12.68 -22.50 -4.01
CA CYS C 93 -11.93 -21.26 -4.11
C CYS C 93 -10.62 -21.50 -4.85
N MET C 94 -10.48 -20.85 -6.00
CA MET C 94 -9.28 -21.01 -6.82
C MET C 94 -8.01 -20.70 -6.01
N CYS C 95 -8.06 -19.67 -5.19
CA CYS C 95 -6.90 -19.23 -4.42
C CYS C 95 -6.52 -20.23 -3.35
N GLY C 96 -7.52 -20.87 -2.75
CA GLY C 96 -7.27 -22.05 -1.89
C GLY C 96 -6.69 -23.23 -2.66
N GLN C 97 -7.17 -23.45 -3.88
CA GLN C 97 -6.61 -24.49 -4.74
C GLN C 97 -5.14 -24.23 -5.12
N LEU C 98 -4.79 -22.97 -5.40
CA LEU C 98 -3.39 -22.62 -5.68
C LEU C 98 -2.50 -22.87 -4.48
N SER C 99 -3.08 -22.79 -3.28
CA SER C 99 -2.35 -23.01 -2.02
C SER C 99 -2.36 -24.45 -1.58
N MET C 100 -2.82 -25.33 -2.49
CA MET C 100 -3.27 -26.70 -2.20
C MET C 100 -4.62 -26.75 -1.49
N ARG C 101 -4.74 -26.02 -0.38
CA ARG C 101 -6.04 -25.71 0.20
C ARG C 101 -5.86 -24.39 0.97
N CYS C 102 -6.94 -23.71 1.34
CA CYS C 102 -6.81 -22.59 2.27
C CYS C 102 -6.45 -23.15 3.65
N TRP C 103 -5.32 -22.70 4.20
CA TRP C 103 -4.78 -23.28 5.44
C TRP C 103 -5.20 -22.52 6.68
N TYR C 104 -6.00 -21.48 6.48
CA TYR C 104 -6.35 -20.58 7.58
C TYR C 104 -7.67 -21.00 8.19
N ASP C 105 -7.73 -21.06 9.52
CA ASP C 105 -9.01 -21.25 10.20
C ASP C 105 -9.79 -19.94 10.37
N LYS C 106 -10.90 -20.01 11.11
CA LYS C 106 -11.76 -18.86 11.36
C LYS C 106 -11.00 -17.70 12.04
N ASP C 107 -9.93 -18.03 12.74
CA ASP C 107 -9.16 -17.03 13.48
C ASP C 107 -7.90 -16.62 12.75
N GLY C 108 -7.76 -17.07 11.50
CA GLY C 108 -6.60 -16.69 10.70
C GLY C 108 -5.34 -17.48 11.07
N ARG C 109 -5.51 -18.54 11.85
CA ARG C 109 -4.38 -19.40 12.19
C ARG C 109 -4.29 -20.58 11.22
N LEU C 110 -3.06 -21.00 10.93
CA LEU C 110 -2.82 -22.23 10.17
C LEU C 110 -3.42 -23.46 10.82
N LEU C 111 -4.09 -24.27 10.01
CA LEU C 111 -4.66 -25.52 10.47
C LEU C 111 -3.55 -26.40 11.03
N PRO C 112 -3.90 -27.28 11.97
CA PRO C 112 -2.91 -28.17 12.59
C PRO C 112 -2.23 -29.09 11.57
N GLU C 113 -2.92 -29.38 10.47
CA GLU C 113 -2.35 -30.23 9.42
C GLU C 113 -1.36 -29.52 8.50
N PHE C 114 -1.19 -28.21 8.67
CA PHE C 114 -0.18 -27.48 7.88
C PHE C 114 1.19 -28.09 8.13
N ASN C 115 1.91 -28.33 7.03
CA ASN C 115 3.21 -28.99 7.09
C ASN C 115 4.30 -27.97 7.40
N MET C 116 4.66 -27.84 8.67
CA MET C 116 5.62 -26.80 9.06
C MET C 116 7.07 -27.14 8.72
N ALA C 117 7.33 -28.41 8.45
CA ALA C 117 8.66 -28.86 7.99
C ALA C 117 8.91 -28.53 6.52
N GLU C 118 7.87 -28.63 5.70
CA GLU C 118 7.98 -28.34 4.28
C GLU C 118 6.72 -27.60 3.87
N PRO C 119 6.62 -26.30 4.22
CA PRO C 119 5.41 -25.51 3.95
C PRO C 119 5.10 -25.40 2.46
N PRO C 120 3.81 -25.38 2.10
CA PRO C 120 3.43 -25.05 0.72
C PRO C 120 3.58 -23.55 0.48
N LEU C 121 3.55 -23.15 -0.79
CA LEU C 121 3.31 -21.75 -1.13
C LEU C 121 1.85 -21.39 -0.81
N ILE C 122 1.65 -20.24 -0.19
CA ILE C 122 0.30 -19.76 0.10
C ILE C 122 -0.09 -18.66 -0.88
N PHE C 123 -1.24 -18.84 -1.53
CA PHE C 123 -1.76 -17.78 -2.40
C PHE C 123 -2.98 -17.19 -1.71
N GLU C 124 -2.83 -15.98 -1.15
CA GLU C 124 -3.97 -15.28 -0.56
C GLU C 124 -4.86 -14.67 -1.63
N CYS C 125 -6.07 -14.29 -1.25
CA CYS C 125 -6.96 -13.63 -2.22
C CYS C 125 -6.45 -12.24 -2.49
N ASN C 126 -6.89 -11.67 -3.60
CA ASN C 126 -6.28 -10.41 -4.07
C ASN C 126 -7.39 -9.51 -4.66
N HIS C 127 -7.01 -8.34 -5.16
CA HIS C 127 -7.97 -7.37 -5.68
C HIS C 127 -8.65 -7.76 -6.99
N ALA C 128 -8.23 -8.86 -7.61
CA ALA C 128 -8.94 -9.39 -8.77
C ALA C 128 -10.03 -10.40 -8.40
N CYS C 129 -9.95 -10.97 -7.19
CA CYS C 129 -10.97 -11.91 -6.71
C CYS C 129 -12.34 -11.23 -6.56
N SER C 130 -13.41 -12.02 -6.67
CA SER C 130 -14.78 -11.51 -6.56
C SER C 130 -15.20 -11.35 -5.11
N CYS C 131 -14.41 -11.92 -4.20
CA CYS C 131 -14.80 -12.04 -2.78
C CYS C 131 -14.52 -10.71 -2.06
N TRP C 132 -14.97 -10.61 -0.81
CA TRP C 132 -14.79 -9.40 -0.02
C TRP C 132 -13.41 -9.31 0.63
N ARG C 133 -13.03 -8.09 1.01
CA ARG C 133 -11.72 -7.83 1.60
C ARG C 133 -11.55 -8.55 2.94
N ASN C 134 -12.67 -8.96 3.54
CA ASN C 134 -12.65 -9.69 4.82
C ASN C 134 -12.80 -11.21 4.69
N CYS C 135 -12.56 -11.76 3.49
CA CYS C 135 -12.73 -13.20 3.33
C CYS C 135 -11.70 -14.01 4.16
N ARG C 136 -11.93 -15.31 4.26
CA ARG C 136 -11.08 -16.17 5.08
C ARG C 136 -9.61 -16.19 4.61
N ASN C 137 -9.39 -15.98 3.31
CA ASN C 137 -8.06 -16.20 2.75
C ASN C 137 -7.23 -14.94 2.65
N ARG C 138 -7.14 -14.23 3.78
CA ARG C 138 -6.47 -12.93 3.85
C ARG C 138 -5.97 -12.82 5.27
N VAL C 139 -4.67 -13.01 5.47
CA VAL C 139 -4.08 -12.97 6.81
C VAL C 139 -2.80 -12.16 6.73
N VAL C 140 -1.88 -12.58 5.85
CA VAL C 140 -0.56 -11.93 5.79
C VAL C 140 -0.72 -10.54 5.22
N GLN C 141 -1.64 -10.41 4.26
CA GLN C 141 -1.87 -9.09 3.65
C GLN C 141 -2.45 -8.06 4.63
N ASN C 142 -2.96 -8.52 5.78
CA ASN C 142 -3.46 -7.59 6.82
C ASN C 142 -2.39 -7.00 7.73
N GLY C 143 -1.18 -7.51 7.58
CA GLY C 143 -0.05 -6.98 8.32
C GLY C 143 0.10 -7.44 9.76
N LEU C 144 1.14 -6.90 10.39
CA LEU C 144 1.52 -7.27 11.73
C LEU C 144 0.43 -6.89 12.69
N ARG C 145 0.03 -7.82 13.57
CA ARG C 145 -0.99 -7.56 14.59
C ARG C 145 -0.48 -7.73 16.02
N ALA C 146 0.42 -8.68 16.21
CA ALA C 146 0.85 -9.06 17.56
C ALA C 146 1.65 -7.92 18.21
N ARG C 147 1.59 -7.81 19.54
CA ARG C 147 2.39 -6.85 20.27
C ARG C 147 3.79 -7.40 20.51
N LEU C 148 4.73 -6.87 19.74
CA LEU C 148 6.12 -7.31 19.78
C LEU C 148 6.95 -6.19 20.39
N GLN C 149 8.16 -6.53 20.82
CA GLN C 149 9.04 -5.57 21.46
C GLN C 149 10.46 -5.93 21.07
N LEU C 150 11.21 -4.93 20.59
CA LEU C 150 12.64 -5.06 20.42
C LEU C 150 13.28 -4.89 21.77
N TYR C 151 14.17 -5.80 22.14
CA TYR C 151 14.76 -5.73 23.47
C TYR C 151 16.23 -6.12 23.43
N ARG C 152 16.99 -5.66 24.42
CA ARG C 152 18.38 -6.06 24.52
C ARG C 152 18.53 -7.41 25.22
N THR C 153 19.08 -8.38 24.50
CA THR C 153 19.43 -9.67 25.10
C THR C 153 20.74 -9.58 25.88
N ARG C 154 21.01 -10.60 26.70
CA ARG C 154 22.26 -10.68 27.44
C ARG C 154 23.45 -10.95 26.52
N ASP C 155 23.32 -11.94 25.63
CA ASP C 155 24.48 -12.46 24.90
C ASP C 155 24.30 -12.51 23.39
N MET C 156 23.29 -11.83 22.86
CA MET C 156 22.95 -11.94 21.44
C MET C 156 22.65 -10.61 20.72
N GLY C 157 23.00 -9.50 21.35
CA GLY C 157 22.66 -8.18 20.79
C GLY C 157 21.18 -7.87 20.99
N TRP C 158 20.55 -7.33 19.96
CA TRP C 158 19.10 -7.10 19.98
C TRP C 158 18.34 -8.33 19.58
N GLY C 159 17.16 -8.49 20.18
CA GLY C 159 16.24 -9.59 19.83
C GLY C 159 14.84 -9.04 19.87
N VAL C 160 13.87 -9.86 19.45
CA VAL C 160 12.46 -9.48 19.45
C VAL C 160 11.70 -10.47 20.34
N ARG C 161 10.89 -9.93 21.27
CA ARG C 161 9.98 -10.78 22.05
C ARG C 161 8.52 -10.46 21.75
N SER C 162 7.65 -11.42 22.07
CA SER C 162 6.21 -11.17 22.08
C SER C 162 5.84 -10.68 23.45
N LEU C 163 5.01 -9.65 23.50
CA LEU C 163 4.48 -9.18 24.77
C LEU C 163 3.26 -9.99 25.20
N GLN C 164 2.62 -10.69 24.27
CA GLN C 164 1.44 -11.48 24.59
C GLN C 164 1.60 -12.94 24.20
N ASP C 165 0.75 -13.81 24.74
CA ASP C 165 0.64 -15.18 24.24
C ASP C 165 0.29 -15.16 22.76
N ILE C 166 1.01 -15.95 21.96
CA ILE C 166 0.67 -16.15 20.55
C ILE C 166 0.39 -17.62 20.28
N PRO C 167 -0.87 -17.95 19.94
CA PRO C 167 -1.26 -19.35 19.76
C PRO C 167 -0.51 -19.96 18.56
N PRO C 168 -0.40 -21.30 18.51
CA PRO C 168 0.23 -21.92 17.32
C PRO C 168 -0.45 -21.49 16.03
N GLY C 169 0.33 -21.34 14.96
CA GLY C 169 -0.22 -21.16 13.63
C GLY C 169 -0.56 -19.72 13.30
N THR C 170 -0.15 -18.80 14.16
CA THR C 170 -0.48 -17.38 14.02
C THR C 170 0.54 -16.66 13.17
N PHE C 171 0.08 -15.79 12.24
CA PHE C 171 0.97 -14.88 11.51
C PHE C 171 1.61 -13.91 12.48
N VAL C 172 2.94 -13.91 12.54
CA VAL C 172 3.63 -13.03 13.47
C VAL C 172 4.14 -11.75 12.79
N CYS C 173 5.01 -11.90 11.79
CA CYS C 173 5.52 -10.74 11.05
C CYS C 173 6.11 -11.19 9.73
N GLU C 174 6.35 -10.25 8.84
CA GLU C 174 6.91 -10.58 7.53
C GLU C 174 8.38 -10.18 7.57
N TYR C 175 9.25 -10.93 6.90
CA TYR C 175 10.62 -10.45 6.68
C TYR C 175 10.67 -9.40 5.57
N VAL C 176 10.77 -8.13 5.96
CA VAL C 176 10.68 -7.01 5.04
C VAL C 176 12.05 -6.38 4.79
N GLY C 177 12.30 -5.96 3.55
CA GLY C 177 13.51 -5.25 3.22
C GLY C 177 13.61 -4.85 1.76
N GLU C 178 14.86 -4.75 1.29
CA GLU C 178 15.18 -4.30 -0.05
C GLU C 178 15.29 -5.53 -0.96
N LEU C 179 14.47 -5.61 -2.00
CA LEU C 179 14.55 -6.73 -2.94
C LEU C 179 15.71 -6.56 -3.92
N ILE C 180 16.63 -7.52 -3.96
CA ILE C 180 17.83 -7.40 -4.78
C ILE C 180 18.12 -8.73 -5.51
N SER C 181 18.97 -8.67 -6.51
CA SER C 181 19.29 -9.85 -7.31
C SER C 181 20.32 -10.67 -6.55
N ASP C 182 20.47 -11.93 -6.96
CA ASP C 182 21.52 -12.79 -6.41
C ASP C 182 22.93 -12.18 -6.51
N SER C 183 23.26 -11.64 -7.68
N SER C 183 23.27 -11.61 -7.66
CA SER C 183 24.58 -11.05 -7.92
CA SER C 183 24.62 -11.09 -7.86
C SER C 183 24.86 -9.90 -6.97
C SER C 183 24.91 -9.81 -7.08
N GLU C 184 23.88 -9.02 -6.80
CA GLU C 184 24.01 -7.87 -5.93
C GLU C 184 24.22 -8.31 -4.49
N ALA C 185 23.48 -9.33 -4.06
CA ALA C 185 23.63 -9.87 -2.71
C ALA C 185 25.04 -10.41 -2.48
N ASP C 186 25.67 -10.92 -3.53
CA ASP C 186 27.02 -11.47 -3.40
C ASP C 186 28.09 -10.41 -3.21
N VAL C 187 27.79 -9.15 -3.54
CA VAL C 187 28.76 -8.09 -3.30
C VAL C 187 28.43 -7.16 -2.13
N ARG C 188 27.31 -7.39 -1.46
CA ARG C 188 26.99 -6.64 -0.26
C ARG C 188 28.04 -6.91 0.83
N GLU C 189 28.64 -5.85 1.38
CA GLU C 189 29.66 -6.00 2.41
C GLU C 189 29.08 -6.65 3.67
N GLU C 190 27.86 -6.27 4.04
CA GLU C 190 27.19 -6.86 5.18
C GLU C 190 26.15 -7.92 4.76
N ASP C 191 26.28 -9.13 5.28
CA ASP C 191 25.42 -10.23 4.86
C ASP C 191 24.51 -10.76 5.96
N SER C 192 24.51 -10.07 7.10
CA SER C 192 23.77 -10.51 8.29
C SER C 192 22.26 -10.49 8.09
N TYR C 193 21.81 -9.72 7.10
CA TYR C 193 20.40 -9.41 6.95
C TYR C 193 19.86 -9.90 5.62
N LEU C 194 20.55 -10.86 5.00
CA LEU C 194 20.14 -11.39 3.70
C LEU C 194 19.22 -12.59 3.85
N PHE C 195 18.12 -12.60 3.07
CA PHE C 195 17.21 -13.75 3.04
C PHE C 195 16.95 -14.17 1.59
N ASP C 196 17.28 -15.41 1.24
CA ASP C 196 17.07 -15.91 -0.13
C ASP C 196 15.60 -16.19 -0.40
N LEU C 197 15.13 -15.81 -1.58
CA LEU C 197 13.73 -16.05 -1.92
C LEU C 197 13.45 -17.45 -2.49
N ASP C 198 13.93 -17.74 -3.70
CA ASP C 198 13.75 -19.07 -4.30
C ASP C 198 12.36 -19.22 -4.95
N VAL C 204 18.17 -16.34 -8.81
CA VAL C 204 17.35 -16.18 -7.61
C VAL C 204 17.46 -14.77 -7.03
N TYR C 205 16.50 -14.42 -6.18
CA TYR C 205 16.46 -13.08 -5.62
C TYR C 205 16.48 -13.17 -4.11
N CYS C 206 16.71 -12.02 -3.48
N CYS C 206 16.58 -12.02 -3.46
CA CYS C 206 16.98 -11.93 -2.06
CA CYS C 206 17.01 -11.96 -2.06
C CYS C 206 16.21 -10.75 -1.49
C CYS C 206 16.46 -10.68 -1.43
N ILE C 207 16.01 -10.77 -0.18
CA ILE C 207 15.64 -9.57 0.57
C ILE C 207 16.85 -9.22 1.44
N ASP C 208 17.35 -8.00 1.30
CA ASP C 208 18.39 -7.50 2.20
C ASP C 208 17.75 -6.51 3.17
N ALA C 209 17.78 -6.82 4.46
CA ALA C 209 17.16 -5.94 5.46
C ALA C 209 18.20 -5.06 6.15
N ARG C 210 19.42 -5.02 5.58
CA ARG C 210 20.51 -4.23 6.15
C ARG C 210 20.23 -2.72 6.16
N PHE C 211 19.84 -2.16 5.02
CA PHE C 211 19.65 -0.71 4.87
C PHE C 211 18.22 -0.28 5.11
N TYR C 212 17.27 -1.13 4.67
CA TYR C 212 15.84 -0.95 4.80
C TYR C 212 15.27 -2.25 5.35
N GLY C 213 14.53 -2.17 6.47
CA GLY C 213 13.99 -3.40 7.08
C GLY C 213 12.88 -3.07 8.04
N ASN C 214 12.14 -4.10 8.47
CA ASN C 214 11.22 -3.94 9.58
C ASN C 214 11.70 -4.68 10.82
N VAL C 215 10.79 -4.97 11.74
CA VAL C 215 11.18 -5.55 13.01
C VAL C 215 11.87 -6.91 12.85
N SER C 216 11.61 -7.60 11.74
N SER C 216 11.60 -7.58 11.74
CA SER C 216 12.09 -8.96 11.57
CA SER C 216 12.07 -8.95 11.53
C SER C 216 13.59 -9.06 11.41
C SER C 216 13.59 -9.04 11.45
N ARG C 217 14.23 -7.95 11.01
CA ARG C 217 15.68 -7.93 10.87
C ARG C 217 16.40 -8.17 12.20
N PHE C 218 15.67 -8.00 13.30
CA PHE C 218 16.24 -8.18 14.63
C PHE C 218 15.98 -9.54 15.28
N ILE C 219 15.25 -10.41 14.58
CA ILE C 219 14.95 -11.74 15.11
C ILE C 219 16.20 -12.63 15.04
N ASN C 220 16.54 -13.27 16.15
CA ASN C 220 17.72 -14.11 16.21
C ASN C 220 17.44 -15.55 15.77
N HIS C 221 18.50 -16.24 15.38
CA HIS C 221 18.42 -17.64 15.01
C HIS C 221 18.25 -18.50 16.23
N HIS C 222 17.35 -19.47 16.15
CA HIS C 222 17.19 -20.50 17.17
C HIS C 222 17.12 -21.85 16.50
N CYS C 223 17.82 -22.82 17.08
CA CYS C 223 17.86 -24.17 16.52
C CYS C 223 16.56 -24.95 16.73
N GLU C 224 15.79 -24.56 17.74
CA GLU C 224 14.43 -25.09 17.95
C GLU C 224 13.38 -23.99 17.84
N PRO C 225 13.16 -23.49 16.61
CA PRO C 225 12.56 -22.16 16.46
C PRO C 225 11.09 -22.18 16.78
N ASN C 226 10.57 -21.07 17.29
CA ASN C 226 9.12 -20.89 17.41
C ASN C 226 8.44 -20.19 16.24
N LEU C 227 9.23 -19.83 15.22
CA LEU C 227 8.72 -19.27 13.98
C LEU C 227 9.19 -20.10 12.79
N VAL C 228 8.30 -20.27 11.81
CA VAL C 228 8.67 -20.84 10.51
C VAL C 228 8.34 -19.84 9.42
N PRO C 229 9.26 -19.65 8.45
CA PRO C 229 9.02 -18.78 7.31
C PRO C 229 8.21 -19.50 6.23
N VAL C 230 7.19 -18.82 5.71
CA VAL C 230 6.34 -19.40 4.66
C VAL C 230 6.33 -18.44 3.48
N ARG C 231 6.41 -18.97 2.26
N ARG C 231 6.38 -18.97 2.26
CA ARG C 231 6.34 -18.10 1.09
CA ARG C 231 6.35 -18.13 1.06
C ARG C 231 4.90 -17.80 0.71
C ARG C 231 4.90 -17.80 0.68
N VAL C 232 4.59 -16.51 0.54
CA VAL C 232 3.22 -16.06 0.33
C VAL C 232 3.14 -15.09 -0.85
N PHE C 233 2.08 -15.26 -1.64
CA PHE C 233 1.73 -14.31 -2.68
C PHE C 233 0.42 -13.62 -2.37
N MET C 234 0.40 -12.33 -2.68
CA MET C 234 -0.73 -11.48 -2.34
C MET C 234 -1.11 -10.61 -3.53
N ALA C 235 -0.53 -9.40 -3.66
CA ALA C 235 -1.01 -8.44 -4.64
C ALA C 235 -0.49 -8.81 -6.04
N HIS C 236 0.60 -9.57 -6.09
CA HIS C 236 1.17 -10.09 -7.35
C HIS C 236 1.45 -11.56 -7.22
N GLN C 237 1.56 -12.23 -8.37
CA GLN C 237 1.89 -13.66 -8.39
C GLN C 237 3.14 -13.95 -9.24
N ASP C 238 4.11 -13.03 -9.17
CA ASP C 238 5.40 -13.24 -9.81
C ASP C 238 6.20 -14.22 -8.94
N LEU C 239 6.35 -15.45 -9.41
CA LEU C 239 6.89 -16.51 -8.57
C LEU C 239 8.39 -16.32 -8.22
N ARG C 240 9.04 -15.37 -8.89
CA ARG C 240 10.40 -14.99 -8.51
C ARG C 240 10.49 -14.27 -7.15
N PHE C 241 9.36 -13.68 -6.74
CA PHE C 241 9.32 -12.77 -5.59
C PHE C 241 8.26 -13.17 -4.56
N PRO C 242 8.37 -14.38 -3.99
CA PRO C 242 7.52 -14.67 -2.83
C PRO C 242 7.81 -13.66 -1.71
N ARG C 243 6.80 -13.36 -0.90
CA ARG C 243 7.00 -12.62 0.35
C ARG C 243 7.13 -13.60 1.54
N ILE C 244 7.96 -13.23 2.52
CA ILE C 244 8.36 -14.18 3.57
C ILE C 244 7.58 -13.90 4.85
N ALA C 245 6.66 -14.79 5.22
CA ALA C 245 5.81 -14.55 6.38
C ALA C 245 6.17 -15.55 7.49
N PHE C 246 6.45 -15.03 8.69
CA PHE C 246 6.71 -15.92 9.82
C PHE C 246 5.44 -16.28 10.56
N PHE C 247 5.23 -17.57 10.76
CA PHE C 247 4.13 -18.07 11.58
C PHE C 247 4.69 -18.77 12.82
N SER C 248 3.94 -18.74 13.91
CA SER C 248 4.36 -19.46 15.10
C SER C 248 4.17 -20.96 14.86
N THR C 249 5.16 -21.74 15.29
CA THR C 249 5.13 -23.20 15.18
C THR C 249 4.53 -23.82 16.44
N ARG C 250 4.35 -23.02 17.48
CA ARG C 250 3.80 -23.51 18.74
C ARG C 250 3.26 -22.32 19.51
N LEU C 251 2.64 -22.56 20.65
CA LEU C 251 2.28 -21.47 21.56
C LEU C 251 3.55 -20.74 21.98
N ILE C 252 3.60 -19.44 21.72
CA ILE C 252 4.69 -18.59 22.18
C ILE C 252 4.19 -17.77 23.37
N GLU C 253 4.75 -17.99 24.54
CA GLU C 253 4.23 -17.35 25.75
C GLU C 253 4.67 -15.91 25.83
N ALA C 254 3.84 -15.06 26.45
CA ALA C 254 4.21 -13.66 26.62
C ALA C 254 5.61 -13.57 27.21
N GLY C 255 6.44 -12.69 26.69
CA GLY C 255 7.80 -12.55 27.22
C GLY C 255 8.84 -13.30 26.42
N GLU C 256 8.44 -14.38 25.73
CA GLU C 256 9.38 -15.25 25.02
C GLU C 256 10.04 -14.56 23.81
N GLN C 257 11.33 -14.85 23.60
CA GLN C 257 12.06 -14.35 22.42
C GLN C 257 11.61 -15.11 21.17
N LEU C 258 11.44 -14.37 20.09
CA LEU C 258 11.14 -14.94 18.79
C LEU C 258 12.42 -15.50 18.17
N GLY C 259 12.28 -16.64 17.49
CA GLY C 259 13.44 -17.24 16.82
C GLY C 259 13.03 -18.03 15.61
N PHE C 260 13.83 -17.94 14.55
CA PHE C 260 13.67 -18.86 13.42
C PHE C 260 15.01 -19.48 13.06
N ASP C 261 14.96 -20.59 12.33
CA ASP C 261 16.15 -21.29 11.87
C ASP C 261 16.72 -20.57 10.65
N ALA C 262 17.91 -20.00 10.79
CA ALA C 262 18.52 -19.19 9.72
C ALA C 262 19.01 -20.05 8.55
N GLY C 263 19.26 -21.33 8.79
CA GLY C 263 19.51 -22.28 7.73
C GLY C 263 20.99 -22.47 7.42
N GLU C 264 21.29 -23.47 6.60
CA GLU C 264 22.67 -23.83 6.29
C GLU C 264 23.40 -22.77 5.45
N ARG C 265 22.72 -22.25 4.42
CA ARG C 265 23.25 -21.14 3.61
C ARG C 265 23.78 -19.97 4.44
N PHE C 266 23.22 -19.79 5.64
CA PHE C 266 23.70 -18.79 6.60
C PHE C 266 24.88 -19.32 7.43
N TRP C 267 24.65 -20.42 8.12
CA TRP C 267 25.62 -20.93 9.09
C TRP C 267 26.91 -21.43 8.48
N ASP C 268 26.87 -21.81 7.21
CA ASP C 268 28.10 -22.22 6.49
C ASP C 268 29.11 -21.09 6.38
N ILE C 269 28.60 -19.86 6.29
CA ILE C 269 29.45 -18.68 6.20
C ILE C 269 29.78 -18.15 7.61
N LYS C 270 28.74 -17.95 8.42
CA LYS C 270 28.85 -17.30 9.72
C LYS C 270 29.51 -18.18 10.78
N GLY C 271 29.41 -19.50 10.61
CA GLY C 271 30.04 -20.45 11.52
C GLY C 271 31.55 -20.29 11.66
N LYS C 272 32.20 -19.89 10.58
CA LYS C 272 33.66 -19.68 10.60
C LYS C 272 34.07 -18.45 11.41
N LEU C 273 33.08 -17.68 11.85
CA LEU C 273 33.29 -16.43 12.58
C LEU C 273 32.91 -16.59 14.05
N PHE C 274 31.70 -17.08 14.29
CA PHE C 274 31.19 -17.26 15.64
C PHE C 274 30.22 -18.44 15.68
N SER C 275 29.97 -18.96 16.87
CA SER C 275 29.14 -20.13 17.07
C SER C 275 27.75 -19.74 17.56
N CYS C 276 26.78 -20.63 17.35
CA CYS C 276 25.41 -20.37 17.77
C CYS C 276 25.29 -20.33 19.28
N ARG C 277 24.57 -19.33 19.80
CA ARG C 277 24.41 -19.18 21.25
C ARG C 277 22.94 -19.25 21.68
N CYS C 278 22.14 -20.02 20.94
CA CYS C 278 20.71 -20.10 21.20
C CYS C 278 20.42 -20.90 22.48
N GLY C 279 21.40 -21.69 22.92
CA GLY C 279 21.32 -22.36 24.22
C GLY C 279 20.42 -23.58 24.24
N SER C 280 19.82 -23.90 23.09
CA SER C 280 19.03 -25.14 22.96
C SER C 280 19.88 -26.38 23.24
N PRO C 281 19.33 -27.33 24.02
CA PRO C 281 20.02 -28.61 24.18
C PRO C 281 20.04 -29.45 22.90
N LYS C 282 19.30 -29.01 21.88
CA LYS C 282 19.32 -29.61 20.54
C LYS C 282 19.96 -28.67 19.52
N CYS C 283 20.88 -27.83 19.97
CA CYS C 283 21.55 -26.86 19.09
C CYS C 283 22.46 -27.54 18.08
N ARG C 284 22.53 -26.97 16.87
CA ARG C 284 23.23 -27.60 15.76
C ARG C 284 24.41 -26.80 15.20
N HIS C 285 24.70 -25.64 15.79
CA HIS C 285 25.74 -24.76 15.25
C HIS C 285 26.66 -24.15 16.27
N SER C 286 26.84 -24.83 17.40
CA SER C 286 27.86 -24.43 18.34
C SER C 286 29.02 -25.43 18.33
N GLN D 3 29.18 -16.30 -1.72
CA GLN D 3 30.18 -16.17 -0.62
C GLN D 3 29.71 -15.19 0.47
N THR D 4 28.47 -14.75 0.37
CA THR D 4 27.78 -14.11 1.49
C THR D 4 26.84 -15.09 2.20
N ALA D 5 26.57 -14.85 3.48
CA ALA D 5 25.57 -15.62 4.21
C ALA D 5 24.16 -15.21 3.77
N ARG D 6 23.34 -16.19 3.42
CA ARG D 6 21.91 -15.97 3.18
C ARG D 6 21.08 -16.87 4.08
N LDH D 7 20.05 -16.29 4.70
CA LDH D 7 19.05 -17.07 5.42
CB LDH D 7 18.18 -16.13 6.29
CG LDH D 7 19.01 -15.40 7.36
CD LDH D 7 18.25 -14.18 7.92
CE LDH D 7 19.17 -13.18 8.64
NZ LDH D 7 19.83 -13.83 9.79
CH LDH D 7 19.22 -13.46 11.09
C1 LDH D 7 19.20 -14.66 12.05
C LDH D 7 18.18 -17.84 4.39
O LDH D 7 18.06 -17.42 3.23
N SER D 8 17.64 -18.98 4.82
CA SER D 8 16.95 -19.91 3.92
C SER D 8 15.54 -20.22 4.46
N THR D 9 14.55 -20.24 3.55
CA THR D 9 13.17 -20.59 3.91
C THR D 9 12.95 -22.09 4.04
N UNK E 1 19.56 10.57 13.05
CA UNK E 1 20.90 10.99 12.54
C UNK E 1 21.70 9.81 11.99
N UNK E 2 21.66 8.68 12.70
CA UNK E 2 22.24 7.44 12.21
C UNK E 2 21.35 6.81 11.14
N UNK E 3 20.04 7.10 11.21
CA UNK E 3 19.06 6.65 10.23
C UNK E 3 19.39 7.16 8.81
N UNK E 4 19.88 8.39 8.72
CA UNK E 4 20.32 8.96 7.46
C UNK E 4 21.81 8.75 7.25
N UNK E 8 22.18 7.57 3.46
CA UNK E 8 23.32 8.09 2.70
C UNK E 8 24.19 6.97 2.15
N UNK E 9 24.47 5.96 2.98
CA UNK E 9 25.30 4.82 2.59
C UNK E 9 24.67 3.97 1.47
N UNK E 10 23.34 3.87 1.48
CA UNK E 10 22.62 3.14 0.45
C UNK E 10 22.57 3.88 -0.90
N UNK E 11 22.36 5.19 -0.85
CA UNK E 11 22.36 6.03 -2.05
C UNK E 11 23.73 6.01 -2.75
N UNK E 12 24.80 6.00 -1.95
CA UNK E 12 26.17 5.94 -2.45
C UNK E 12 26.53 4.57 -3.02
N UNK E 13 25.84 3.53 -2.56
CA UNK E 13 26.08 2.16 -3.00
C UNK E 13 25.58 1.89 -4.41
N SAH F . -22.77 8.45 -15.67
CA SAH F . -21.61 7.52 -15.87
CB SAH F . -20.46 7.82 -14.89
CG SAH F . -19.52 8.96 -15.35
SD SAH F . -18.53 8.46 -16.73
C SAH F . -22.11 6.10 -15.71
O SAH F . -21.30 5.15 -15.76
OXT SAH F . -23.33 5.87 -15.63
C5' SAH F . -18.82 9.80 -17.88
C4' SAH F . -20.06 9.57 -18.73
O4' SAH F . -21.28 9.76 -17.99
C3' SAH F . -20.15 10.59 -19.87
O3' SAH F . -19.41 10.19 -21.03
C2' SAH F . -21.63 10.71 -20.12
O2' SAH F . -22.12 9.56 -20.83
C1' SAH F . -22.17 10.64 -18.69
N9 SAH F . -22.08 12.04 -18.17
C8 SAH F . -21.25 12.49 -17.20
N7 SAH F . -21.41 13.83 -17.00
C5 SAH F . -22.33 14.26 -17.87
C6 SAH F . -23.00 15.54 -18.17
N6 SAH F . -22.63 16.67 -17.50
N1 SAH F . -23.96 15.57 -19.12
C2 SAH F . -24.31 14.45 -19.82
N3 SAH F . -23.76 13.24 -19.57
C4 SAH F . -22.79 13.08 -18.64
ZN ZN G . 8.31 14.51 4.47
ZN ZN H . 6.00 14.45 7.50
ZN ZN I . 8.57 17.22 7.13
ZN ZN J . -22.99 21.80 -17.95
C1 GOL K . 2.56 0.46 -10.38
O1 GOL K . 3.75 0.07 -9.68
C2 GOL K . 1.34 -0.10 -9.68
O2 GOL K . 0.26 0.82 -9.91
C3 GOL K . 1.04 -1.48 -10.28
O3 GOL K . 0.14 -2.27 -9.47
C1 GOL L . 11.87 22.40 12.13
O1 GOL L . 10.74 22.25 13.00
C2 GOL L . 12.17 21.06 11.47
O2 GOL L . 11.73 19.97 12.30
C3 GOL L . 13.66 20.89 11.29
O3 GOL L . 13.97 21.21 9.93
UNK UNX M . 10.08 18.22 -8.33
UNK UNX N . 3.86 11.02 17.76
UNK UNX O . 16.12 25.24 -0.13
UNK UNX P . -29.30 13.99 -9.75
UNK UNX Q . -28.05 12.18 2.32
UNK UNX R . -28.81 13.50 6.15
UNK UNX S . 1.50 24.40 -11.47
UNK UNX T . 4.62 -1.61 -14.08
N SAH U . 21.18 -9.81 17.28
CA SAH U . 21.13 -8.98 16.02
CB SAH U . 19.82 -9.13 15.25
CG SAH U . 19.79 -10.35 14.33
SD SAH U . 20.78 -10.15 12.86
C SAH U . 21.38 -7.53 16.36
O SAH U . 21.15 -6.66 15.53
OXT SAH U . 21.86 -7.22 17.46
C5' SAH U . 21.75 -11.63 12.92
C4' SAH U . 23.02 -11.43 13.72
O4' SAH U . 22.77 -11.46 15.14
C3' SAH U . 24.03 -12.56 13.47
O3' SAH U . 24.92 -12.27 12.38
C2' SAH U . 24.74 -12.68 14.81
O2' SAH U . 25.71 -11.64 14.94
C1' SAH U . 23.64 -12.38 15.81
N9 SAH U . 22.88 -13.65 16.09
C8 SAH U . 21.64 -13.95 15.65
N7 SAH U . 21.25 -15.18 16.06
C5 SAH U . 22.27 -15.71 16.77
C6 SAH U . 22.54 -16.99 17.49
N6 SAH U . 21.60 -17.97 17.55
N1 SAH U . 23.74 -17.15 18.10
C2 SAH U . 24.68 -16.19 18.05
N3 SAH U . 24.52 -15.00 17.41
C4 SAH U . 23.35 -14.70 16.78
ZN ZN V . -9.44 -15.33 -4.13
ZN ZN W . -11.36 -14.55 -0.92
ZN ZN X . -12.31 -17.55 -2.97
ZN ZN Y . 21.69 -23.17 18.17
C1 GOL Z . 7.66 -1.08 -4.87
O1 GOL Z . 8.43 -0.26 -3.98
C2 GOL Z . 8.24 -2.50 -4.89
O2 GOL Z . 8.17 -3.04 -6.22
C3 GOL Z . 7.44 -3.37 -3.92
O3 GOL Z . 8.07 -4.65 -3.78
UNK UNX AA . 3.87 -6.20 -3.29
#